data_2EIX
#
_entry.id   2EIX
#
_cell.length_a   101.084
_cell.length_b   136.369
_cell.length_c   45.718
_cell.angle_alpha   90.00
_cell.angle_beta   90.00
_cell.angle_gamma   90.00
#
_symmetry.space_group_name_H-M   'P 21 21 21'
#
loop_
_entity.id
_entity.type
_entity.pdbx_description
1 polymer 'NADH-cytochrome b5 reductase'
2 non-polymer 'IODIDE ION'
3 non-polymer 'SODIUM ION'
4 non-polymer 'FLAVIN-ADENINE DINUCLEOTIDE'
5 non-polymer GLYCEROL
6 water water
#
_entity_poly.entity_id   1
_entity_poly.type   'polypeptide(L)'
_entity_poly.pdbx_seq_one_letter_code
;KREPALNPNEYKKFMLREKQIINHNTRLFRFNLHHPEDVVGLPIGQHMSVKATVDGKEIYRPYTPVSSDDEKGYFDLIIK
VYEKGQMSQYIDHLNPGDFLQVRGPKGQFDYKPNMVKEMGMIAGGTGITPMLQVARAIIKNPKEKTIINLIFANVNEDDI
LLRTELDDMAKKYSNFKVYYVLNNPPAGWTGGVGFVSADMIKQHFSPPSSDIKVMMCGPPMMNKAMQGHLETLGYTPEQW
FIF
;
_entity_poly.pdbx_strand_id   A,B
#
loop_
_chem_comp.id
_chem_comp.type
_chem_comp.name
_chem_comp.formula
FAD non-polymer 'FLAVIN-ADENINE DINUCLEOTIDE' 'C27 H33 N9 O15 P2'
GOL non-polymer GLYCEROL 'C3 H8 O3'
IOD non-polymer 'IODIDE ION' 'I -1'
NA non-polymer 'SODIUM ION' 'Na 1'
#
# COMPACT_ATOMS: atom_id res chain seq x y z
N LYS A 1 29.93 -30.25 -9.13
CA LYS A 1 29.52 -29.02 -8.39
C LYS A 1 28.49 -28.17 -9.16
N ARG A 2 27.25 -28.11 -8.67
CA ARG A 2 26.17 -27.36 -9.39
C ARG A 2 26.06 -25.90 -8.98
N GLU A 3 25.53 -25.08 -9.88
CA GLU A 3 25.21 -23.70 -9.50
C GLU A 3 24.01 -23.69 -8.55
N PRO A 4 23.85 -22.58 -7.80
CA PRO A 4 22.70 -22.41 -6.93
C PRO A 4 21.41 -22.54 -7.76
N ALA A 5 20.29 -22.89 -7.12
CA ALA A 5 19.07 -23.02 -7.90
C ALA A 5 18.57 -21.73 -8.51
N LEU A 6 18.70 -20.60 -7.78
CA LEU A 6 18.26 -19.30 -8.31
C LEU A 6 19.45 -18.42 -8.58
N ASN A 7 19.31 -17.58 -9.60
CA ASN A 7 20.30 -16.53 -9.89
C ASN A 7 19.57 -15.16 -9.73
N PRO A 8 20.17 -14.17 -9.02
CA PRO A 8 19.45 -12.93 -8.73
C PRO A 8 19.22 -12.06 -9.98
N ASN A 9 20.01 -12.32 -11.04
CA ASN A 9 19.98 -11.50 -12.25
C ASN A 9 19.24 -12.11 -13.43
N GLU A 10 19.07 -13.41 -13.44
CA GLU A 10 18.51 -14.08 -14.60
C GLU A 10 17.42 -15.01 -14.19
N TYR A 11 16.29 -14.95 -14.89
CA TYR A 11 15.20 -15.89 -14.71
C TYR A 11 15.62 -17.29 -15.24
N LYS A 12 15.21 -18.33 -14.50
CA LYS A 12 15.33 -19.72 -14.93
C LYS A 12 13.93 -20.33 -14.88
N LYS A 13 13.72 -21.40 -15.65
CA LYS A 13 12.44 -22.12 -15.70
C LYS A 13 12.36 -23.28 -14.75
N PHE A 14 11.24 -23.34 -14.07
CA PHE A 14 10.99 -24.40 -13.08
C PHE A 14 9.65 -25.06 -13.41
N MET A 15 9.66 -26.38 -13.51
CA MET A 15 8.50 -27.12 -13.93
C MET A 15 7.46 -27.31 -12.83
N LEU A 16 6.18 -27.05 -13.17
CA LEU A 16 5.06 -27.45 -12.24
C LEU A 16 4.93 -28.99 -12.13
N ARG A 17 5.10 -29.55 -10.93
CA ARG A 17 5.01 -30.99 -10.72
C ARG A 17 3.56 -31.35 -10.52
N GLU A 18 2.85 -30.66 -9.61
CA GLU A 18 1.46 -30.99 -9.29
C GLU A 18 0.86 -29.80 -8.51
N LYS A 19 -0.45 -29.83 -8.34
CA LYS A 19 -1.11 -28.83 -7.54
C LYS A 19 -2.22 -29.45 -6.77
N GLN A 20 -2.56 -28.82 -5.65
CA GLN A 20 -3.64 -29.29 -4.83
C GLN A 20 -4.51 -28.15 -4.33
N ILE A 21 -5.83 -28.34 -4.29
CA ILE A 21 -6.73 -27.37 -3.68
C ILE A 21 -6.63 -27.36 -2.15
N ILE A 22 -6.53 -26.16 -1.54
CA ILE A 22 -6.38 -26.03 -0.09
C ILE A 22 -7.74 -25.58 0.43
N ASN A 23 -8.34 -24.60 -0.23
CA ASN A 23 -9.70 -24.14 0.15
C ASN A 23 -10.34 -23.51 -1.09
N HIS A 24 -11.50 -22.86 -0.97
CA HIS A 24 -12.18 -22.29 -2.19
C HIS A 24 -11.32 -21.36 -3.09
N ASN A 25 -10.35 -20.62 -2.51
CA ASN A 25 -9.53 -19.76 -3.36
C ASN A 25 -8.07 -19.91 -3.13
N THR A 26 -7.62 -21.00 -2.52
CA THR A 26 -6.15 -21.14 -2.27
C THR A 26 -5.68 -22.49 -2.81
N ARG A 27 -4.54 -22.53 -3.48
CA ARG A 27 -3.99 -23.81 -3.96
C ARG A 27 -2.50 -23.93 -3.54
N LEU A 28 -2.02 -25.15 -3.46
CA LEU A 28 -0.57 -25.36 -3.18
C LEU A 28 0.03 -25.92 -4.47
N PHE A 29 1.14 -25.30 -4.94
CA PHE A 29 1.77 -25.66 -6.18
C PHE A 29 3.17 -26.15 -5.87
N ARG A 30 3.52 -27.30 -6.41
CA ARG A 30 4.83 -27.88 -6.20
C ARG A 30 5.64 -27.77 -7.48
N PHE A 31 6.79 -27.07 -7.41
CA PHE A 31 7.67 -26.88 -8.59
C PHE A 31 8.95 -27.68 -8.45
N ASN A 32 9.37 -28.32 -9.51
CA ASN A 32 10.68 -29.04 -9.50
C ASN A 32 11.85 -28.14 -9.58
N LEU A 33 12.87 -28.46 -8.76
CA LEU A 33 14.18 -27.86 -8.91
C LEU A 33 14.86 -28.73 -10.01
N HIS A 34 15.98 -28.27 -10.52
CA HIS A 34 16.58 -28.92 -11.70
C HIS A 34 17.32 -30.21 -11.42
N HIS A 35 17.71 -30.41 -10.15
CA HIS A 35 18.33 -31.65 -9.72
C HIS A 35 17.65 -32.05 -8.42
N PRO A 36 17.39 -33.37 -8.24
CA PRO A 36 16.76 -33.88 -7.05
C PRO A 36 17.46 -33.59 -5.68
N GLU A 37 18.74 -33.21 -5.71
CA GLU A 37 19.49 -32.88 -4.50
C GLU A 37 19.66 -31.37 -4.28
N ASP A 38 19.10 -30.57 -5.17
CA ASP A 38 19.07 -29.13 -5.00
C ASP A 38 18.13 -28.71 -3.86
N VAL A 39 18.43 -27.56 -3.25
CA VAL A 39 17.45 -26.87 -2.39
C VAL A 39 17.21 -25.47 -3.00
N VAL A 40 16.08 -24.87 -2.68
CA VAL A 40 15.72 -23.58 -3.30
C VAL A 40 16.77 -22.49 -2.91
N GLY A 41 17.27 -22.52 -1.65
CA GLY A 41 18.44 -21.67 -1.30
C GLY A 41 18.13 -20.20 -1.03
N LEU A 42 16.96 -19.91 -0.49
CA LEU A 42 16.65 -18.51 -0.18
C LEU A 42 17.17 -18.20 1.24
N PRO A 43 17.99 -17.18 1.34
CA PRO A 43 18.40 -16.75 2.69
C PRO A 43 17.22 -16.28 3.51
N ILE A 44 17.43 -16.18 4.78
CA ILE A 44 16.34 -15.92 5.75
C ILE A 44 15.86 -14.53 5.46
N GLY A 45 14.59 -14.35 5.21
CA GLY A 45 14.05 -13.03 5.03
C GLY A 45 13.91 -12.63 3.55
N GLN A 46 14.31 -13.53 2.64
CA GLN A 46 14.36 -13.13 1.22
C GLN A 46 13.39 -13.97 0.46
N HIS A 47 13.10 -13.52 -0.75
CA HIS A 47 12.03 -14.07 -1.56
C HIS A 47 12.45 -14.34 -2.96
N MET A 48 11.58 -15.00 -3.72
CA MET A 48 11.79 -15.16 -5.16
C MET A 48 10.89 -14.19 -5.93
N SER A 49 11.32 -13.95 -7.15
CA SER A 49 10.65 -13.03 -8.02
C SER A 49 10.20 -13.84 -9.24
N VAL A 50 8.91 -13.81 -9.55
CA VAL A 50 8.36 -14.58 -10.66
C VAL A 50 7.94 -13.61 -11.74
N LYS A 51 8.14 -14.05 -12.99
CA LYS A 51 7.68 -13.28 -14.16
C LYS A 51 6.78 -14.10 -15.02
N ALA A 52 5.75 -13.44 -15.61
CA ALA A 52 5.05 -14.12 -16.68
C ALA A 52 4.62 -13.15 -17.72
N THR A 53 4.18 -13.72 -18.84
CA THR A 53 3.72 -12.91 -19.96
C THR A 53 2.21 -13.06 -20.03
N VAL A 54 1.52 -11.93 -19.88
CA VAL A 54 0.05 -11.85 -19.92
C VAL A 54 -0.30 -10.77 -20.96
N ASP A 55 -1.07 -11.16 -21.99
CA ASP A 55 -1.48 -10.19 -23.04
C ASP A 55 -0.29 -9.42 -23.59
N GLY A 56 0.83 -10.09 -23.84
CA GLY A 56 1.92 -9.47 -24.54
C GLY A 56 2.82 -8.71 -23.65
N LYS A 57 2.55 -8.65 -22.33
CA LYS A 57 3.41 -7.82 -21.48
C LYS A 57 3.93 -8.67 -20.34
N GLU A 58 5.11 -8.36 -19.83
CA GLU A 58 5.66 -9.07 -18.69
C GLU A 58 5.13 -8.48 -17.39
N ILE A 59 4.61 -9.35 -16.47
CA ILE A 59 4.35 -8.95 -15.12
C ILE A 59 5.21 -9.70 -14.10
N TYR A 60 5.38 -9.04 -12.93
CA TYR A 60 6.32 -9.51 -11.93
C TYR A 60 5.78 -9.44 -10.55
N ARG A 61 5.87 -10.57 -9.81
CA ARG A 61 5.43 -10.57 -8.43
C ARG A 61 6.36 -11.40 -7.52
N PRO A 62 6.46 -10.99 -6.24
CA PRO A 62 7.21 -11.79 -5.26
C PRO A 62 6.44 -12.92 -4.60
N TYR A 63 7.15 -13.98 -4.29
CA TYR A 63 6.58 -15.10 -3.55
C TYR A 63 7.63 -15.67 -2.60
N THR A 64 7.16 -16.25 -1.52
CA THR A 64 8.06 -16.93 -0.56
C THR A 64 7.55 -18.36 -0.45
N PRO A 65 8.39 -19.35 -0.79
CA PRO A 65 7.96 -20.75 -0.67
C PRO A 65 7.61 -21.08 0.78
N VAL A 66 6.66 -21.99 0.93
CA VAL A 66 6.29 -22.57 2.25
C VAL A 66 6.89 -23.92 2.56
N SER A 67 7.62 -24.48 1.61
CA SER A 67 8.41 -25.69 1.87
C SER A 67 9.55 -25.24 2.76
N SER A 68 10.01 -26.07 3.66
CA SER A 68 11.13 -25.66 4.53
C SER A 68 12.41 -25.60 3.73
N ASP A 69 13.36 -24.86 4.30
CA ASP A 69 14.62 -24.56 3.61
C ASP A 69 15.37 -25.80 3.18
N ASP A 70 15.17 -26.92 3.86
CA ASP A 70 15.97 -28.10 3.55
C ASP A 70 15.30 -29.11 2.60
N GLU A 71 14.09 -28.83 2.11
CA GLU A 71 13.43 -29.81 1.23
C GLU A 71 14.20 -29.93 -0.04
N LYS A 72 14.42 -31.17 -0.50
CA LYS A 72 15.28 -31.41 -1.66
C LYS A 72 14.51 -31.67 -2.98
N GLY A 73 14.89 -30.97 -4.03
CA GLY A 73 14.44 -31.27 -5.39
C GLY A 73 13.17 -30.57 -5.82
N TYR A 74 12.57 -29.81 -4.91
CA TYR A 74 11.40 -28.96 -5.25
C TYR A 74 11.21 -27.82 -4.27
N PHE A 75 10.31 -26.90 -4.65
CA PHE A 75 9.78 -25.93 -3.68
C PHE A 75 8.24 -25.90 -3.81
N ASP A 76 7.57 -25.43 -2.75
CA ASP A 76 6.11 -25.35 -2.73
C ASP A 76 5.68 -23.88 -2.55
N LEU A 77 4.71 -23.45 -3.36
CA LEU A 77 4.05 -22.14 -3.18
C LEU A 77 2.58 -22.38 -2.82
N ILE A 78 2.12 -21.71 -1.76
CA ILE A 78 0.72 -21.64 -1.49
C ILE A 78 0.26 -20.29 -2.01
N ILE A 79 -0.74 -20.31 -2.88
CA ILE A 79 -1.10 -19.11 -3.62
C ILE A 79 -2.65 -18.91 -3.51
N LYS A 80 -3.03 -17.71 -3.08
CA LYS A 80 -4.45 -17.30 -3.09
C LYS A 80 -4.74 -16.78 -4.49
N VAL A 81 -5.85 -17.25 -5.08
CA VAL A 81 -6.20 -16.83 -6.43
C VAL A 81 -7.27 -15.76 -6.34
N TYR A 82 -6.95 -14.60 -6.92
CA TYR A 82 -7.87 -13.47 -6.93
C TYR A 82 -8.61 -13.36 -8.27
N GLU A 83 -9.87 -12.92 -8.19
CA GLU A 83 -10.72 -12.83 -9.39
C GLU A 83 -10.12 -12.02 -10.56
N LYS A 84 -9.49 -10.90 -10.25
CA LYS A 84 -8.86 -10.08 -11.27
C LYS A 84 -7.39 -9.91 -10.96
N GLY A 85 -6.81 -10.97 -10.41
CA GLY A 85 -5.37 -10.96 -10.04
C GLY A 85 -4.63 -11.62 -11.22
N GLN A 86 -3.84 -10.86 -11.99
CA GLN A 86 -3.23 -11.42 -13.20
C GLN A 86 -2.26 -12.61 -12.91
N MET A 87 -1.36 -12.41 -11.93
CA MET A 87 -0.38 -13.46 -11.72
C MET A 87 -0.94 -14.74 -11.10
N SER A 88 -1.82 -14.57 -10.09
CA SER A 88 -2.40 -15.72 -9.37
C SER A 88 -3.29 -16.46 -10.36
N GLN A 89 -3.98 -15.72 -11.22
CA GLN A 89 -4.71 -16.38 -12.33
C GLN A 89 -3.82 -17.14 -13.30
N TYR A 90 -2.73 -16.53 -13.75
CA TYR A 90 -1.76 -17.16 -14.58
C TYR A 90 -1.24 -18.44 -13.96
N ILE A 91 -0.76 -18.32 -12.73
CA ILE A 91 -0.22 -19.48 -12.02
C ILE A 91 -1.34 -20.57 -11.91
N ASP A 92 -2.63 -20.23 -11.58
CA ASP A 92 -3.68 -21.22 -11.42
C ASP A 92 -4.07 -21.89 -12.75
N HIS A 93 -3.65 -21.35 -13.89
CA HIS A 93 -3.97 -21.95 -15.20
C HIS A 93 -2.81 -22.79 -15.74
N LEU A 94 -1.70 -22.88 -15.02
CA LEU A 94 -0.63 -23.76 -15.45
C LEU A 94 -1.05 -25.23 -15.27
N ASN A 95 -0.65 -26.05 -16.24
CA ASN A 95 -0.83 -27.52 -16.11
C ASN A 95 0.52 -28.15 -15.63
N PRO A 96 0.51 -29.30 -14.94
CA PRO A 96 1.80 -29.99 -14.68
C PRO A 96 2.59 -30.18 -15.95
N GLY A 97 3.89 -29.90 -15.91
CA GLY A 97 4.73 -29.94 -17.10
C GLY A 97 5.00 -28.61 -17.71
N ASP A 98 4.23 -27.58 -17.33
CA ASP A 98 4.46 -26.19 -17.72
C ASP A 98 5.49 -25.57 -16.78
N PHE A 99 6.13 -24.47 -17.20
CA PHE A 99 7.20 -23.79 -16.41
C PHE A 99 6.76 -22.48 -15.85
N LEU A 100 7.49 -22.04 -14.83
CA LEU A 100 7.25 -20.82 -14.20
C LEU A 100 8.66 -20.23 -14.20
N GLN A 101 8.76 -18.95 -14.56
CA GLN A 101 10.12 -18.31 -14.60
C GLN A 101 10.38 -17.57 -13.31
N VAL A 102 11.53 -17.90 -12.68
CA VAL A 102 11.81 -17.42 -11.34
C VAL A 102 13.24 -16.91 -11.25
N ARG A 103 13.44 -15.80 -10.52
CA ARG A 103 14.83 -15.39 -10.18
C ARG A 103 14.92 -15.06 -8.71
N GLY A 104 16.13 -14.84 -8.19
CA GLY A 104 16.23 -14.69 -6.74
C GLY A 104 17.63 -15.03 -6.28
N PRO A 105 17.92 -14.79 -4.99
CA PRO A 105 16.95 -14.23 -4.02
C PRO A 105 16.83 -12.72 -4.15
N LYS A 106 15.73 -12.19 -3.61
CA LYS A 106 15.46 -10.75 -3.61
C LYS A 106 15.05 -10.30 -2.20
N GLY A 107 15.38 -9.05 -1.84
CA GLY A 107 14.97 -8.52 -0.55
C GLY A 107 16.10 -7.98 0.31
N GLN A 108 15.76 -7.13 1.26
CA GLN A 108 16.75 -6.39 2.07
C GLN A 108 17.17 -7.10 3.33
N PHE A 109 16.28 -7.91 3.89
CA PHE A 109 16.55 -8.59 5.17
C PHE A 109 17.88 -9.37 5.31
N ASP A 110 18.60 -9.11 6.42
CA ASP A 110 19.93 -9.67 6.67
C ASP A 110 20.05 -10.33 8.05
N TYR A 111 19.87 -11.63 8.08
CA TYR A 111 19.71 -12.27 9.35
C TYR A 111 21.00 -12.23 10.15
N LYS A 112 20.91 -11.72 11.38
CA LYS A 112 21.90 -12.00 12.42
C LYS A 112 21.16 -12.58 13.61
N PRO A 113 21.74 -13.60 14.27
CA PRO A 113 21.10 -14.09 15.49
C PRO A 113 20.93 -12.91 16.48
N ASN A 114 19.73 -12.80 17.03
CA ASN A 114 19.46 -11.91 18.13
C ASN A 114 19.66 -10.47 17.71
N MET A 115 19.30 -10.15 16.48
CA MET A 115 19.42 -8.76 15.97
C MET A 115 18.49 -7.80 16.78
N VAL A 116 17.36 -8.33 17.26
CA VAL A 116 16.50 -7.60 18.18
C VAL A 116 16.08 -8.52 19.30
N LYS A 117 15.62 -7.98 20.41
CA LYS A 117 15.17 -8.82 21.52
C LYS A 117 13.74 -9.37 21.22
N GLU A 118 13.00 -8.63 20.41
CA GLU A 118 11.59 -9.00 20.15
C GLU A 118 11.21 -8.67 18.73
N MET A 119 10.54 -9.62 18.10
CA MET A 119 9.97 -9.41 16.80
C MET A 119 8.50 -9.46 16.90
N GLY A 120 7.85 -8.42 16.44
CA GLY A 120 6.39 -8.41 16.34
C GLY A 120 6.04 -8.68 14.86
N MET A 121 5.32 -9.73 14.54
CA MET A 121 5.02 -9.96 13.14
C MET A 121 3.50 -9.74 12.96
N ILE A 122 3.11 -9.05 11.90
CA ILE A 122 1.63 -8.91 11.65
C ILE A 122 1.40 -9.43 10.23
N ALA A 123 0.54 -10.44 10.07
CA ALA A 123 0.37 -11.08 8.74
C ALA A 123 -1.08 -11.10 8.47
N GLY A 124 -1.44 -10.90 7.23
CA GLY A 124 -2.86 -11.16 6.77
C GLY A 124 -2.79 -12.06 5.57
N GLY A 125 -3.58 -13.14 5.58
CA GLY A 125 -3.68 -13.99 4.38
C GLY A 125 -2.38 -14.71 4.03
N THR A 126 -1.94 -14.58 2.76
CA THR A 126 -0.68 -15.18 2.39
C THR A 126 0.52 -14.36 2.88
N GLY A 127 0.29 -13.22 3.57
CA GLY A 127 1.40 -12.49 4.28
C GLY A 127 2.07 -13.37 5.32
N ILE A 128 1.49 -14.51 5.63
CA ILE A 128 2.11 -15.46 6.56
C ILE A 128 3.39 -16.05 5.97
N THR A 129 3.51 -16.16 4.64
CA THR A 129 4.70 -16.90 4.16
C THR A 129 6.08 -16.31 4.47
N PRO A 130 6.25 -14.97 4.27
CA PRO A 130 7.51 -14.47 4.74
C PRO A 130 7.71 -14.54 6.25
N MET A 131 6.64 -14.53 7.02
CA MET A 131 6.77 -14.59 8.48
C MET A 131 7.20 -15.99 8.93
N LEU A 132 6.60 -16.99 8.33
CA LEU A 132 6.95 -18.35 8.62
C LEU A 132 8.38 -18.71 8.36
N GLN A 133 8.93 -18.15 7.26
CA GLN A 133 10.33 -18.42 6.81
C GLN A 133 11.31 -17.88 7.83
N VAL A 134 11.03 -16.69 8.29
CA VAL A 134 11.86 -16.02 9.37
C VAL A 134 11.68 -16.77 10.71
N ALA A 135 10.42 -17.04 11.12
CA ALA A 135 10.24 -17.71 12.40
C ALA A 135 10.81 -19.11 12.47
N ARG A 136 10.67 -19.90 11.42
CA ARG A 136 11.31 -21.20 11.35
C ARG A 136 12.83 -21.07 11.58
N ALA A 137 13.46 -20.07 10.98
CA ALA A 137 14.89 -19.99 11.11
C ALA A 137 15.30 -19.66 12.55
N ILE A 138 14.56 -18.74 13.16
CA ILE A 138 14.87 -18.33 14.52
C ILE A 138 14.70 -19.43 15.52
N ILE A 139 13.57 -20.15 15.48
CA ILE A 139 13.32 -21.15 16.49
C ILE A 139 14.23 -22.38 16.39
N LYS A 140 14.82 -22.61 15.21
CA LYS A 140 15.74 -23.73 15.05
C LYS A 140 17.19 -23.38 15.38
N ASN A 141 17.45 -22.11 15.71
CA ASN A 141 18.80 -21.65 16.12
C ASN A 141 18.98 -21.74 17.67
N PRO A 142 19.83 -22.66 18.18
CA PRO A 142 20.04 -22.73 19.64
C PRO A 142 20.46 -21.46 20.30
N LYS A 143 21.14 -20.60 19.59
CA LYS A 143 21.63 -19.35 20.14
C LYS A 143 20.56 -18.28 20.28
N GLU A 144 19.40 -18.51 19.65
CA GLU A 144 18.40 -17.45 19.52
C GLU A 144 17.64 -17.25 20.80
N LYS A 145 17.53 -16.02 21.24
CA LYS A 145 16.74 -15.69 22.41
C LYS A 145 15.56 -14.77 22.00
N THR A 146 15.45 -14.50 20.70
CA THR A 146 14.43 -13.52 20.21
C THR A 146 13.03 -14.04 20.54
N ILE A 147 12.17 -13.17 21.10
CA ILE A 147 10.78 -13.51 21.33
C ILE A 147 10.03 -13.15 20.08
N ILE A 148 9.21 -14.05 19.57
CA ILE A 148 8.42 -13.72 18.35
C ILE A 148 6.94 -13.77 18.78
N ASN A 149 6.27 -12.64 18.59
CA ASN A 149 4.80 -12.59 18.67
C ASN A 149 4.15 -12.29 17.32
N LEU A 150 3.34 -13.20 16.86
CA LEU A 150 2.67 -13.09 15.59
C LEU A 150 1.18 -12.80 15.85
N ILE A 151 0.71 -11.72 15.23
CA ILE A 151 -0.73 -11.47 15.04
C ILE A 151 -1.12 -11.86 13.59
N PHE A 152 -2.03 -12.83 13.42
CA PHE A 152 -2.35 -13.36 12.13
C PHE A 152 -3.80 -13.15 11.89
N ALA A 153 -4.15 -12.33 10.91
CA ALA A 153 -5.56 -11.87 10.70
C ALA A 153 -6.16 -12.36 9.40
N ASN A 154 -7.44 -12.83 9.43
CA ASN A 154 -7.99 -13.30 8.22
C ASN A 154 -9.47 -12.97 8.26
N VAL A 155 -10.18 -13.24 7.18
CA VAL A 155 -11.62 -12.95 7.16
C VAL A 155 -12.45 -14.06 7.85
N ASN A 156 -12.37 -15.29 7.34
CA ASN A 156 -13.10 -16.44 7.88
C ASN A 156 -12.17 -17.49 8.42
N GLU A 157 -12.68 -18.39 9.25
CA GLU A 157 -11.89 -19.44 9.83
C GLU A 157 -11.21 -20.32 8.78
N ASP A 158 -11.87 -20.59 7.67
CA ASP A 158 -11.23 -21.40 6.64
C ASP A 158 -10.10 -20.71 5.85
N ASP A 159 -9.89 -19.43 6.13
CA ASP A 159 -8.88 -18.62 5.46
C ASP A 159 -7.52 -18.63 6.24
N ILE A 160 -7.49 -19.27 7.40
CA ILE A 160 -6.29 -19.29 8.23
C ILE A 160 -5.30 -20.33 7.70
N LEU A 161 -4.32 -19.88 6.90
CA LEU A 161 -3.47 -20.82 6.28
C LEU A 161 -2.42 -21.24 7.28
N LEU A 162 -1.98 -22.50 7.21
CA LEU A 162 -0.86 -23.06 7.97
C LEU A 162 -1.06 -23.09 9.47
N ARG A 163 -2.33 -23.06 9.89
CA ARG A 163 -2.69 -23.17 11.34
C ARG A 163 -2.04 -24.38 12.03
N THR A 164 -2.00 -25.53 11.39
CA THR A 164 -1.46 -26.73 12.06
C THR A 164 -0.01 -26.54 12.37
N GLU A 165 0.71 -26.06 11.35
CA GLU A 165 2.13 -25.79 11.45
C GLU A 165 2.48 -24.69 12.47
N LEU A 166 1.72 -23.59 12.47
CA LEU A 166 1.93 -22.49 13.42
C LEU A 166 1.66 -22.92 14.85
N ASP A 167 0.62 -23.71 15.04
CA ASP A 167 0.32 -24.08 16.40
C ASP A 167 1.33 -25.07 16.93
N ASP A 168 1.88 -25.92 16.07
CA ASP A 168 2.88 -26.90 16.51
C ASP A 168 4.16 -26.15 16.86
N MET A 169 4.52 -25.15 16.03
CA MET A 169 5.61 -24.30 16.43
C MET A 169 5.46 -23.63 17.77
N ALA A 170 4.29 -23.06 18.08
CA ALA A 170 4.02 -22.41 19.33
C ALA A 170 4.08 -23.38 20.54
N LYS A 171 3.69 -24.63 20.32
CA LYS A 171 3.75 -25.60 21.41
C LYS A 171 5.16 -26.05 21.66
N LYS A 172 5.97 -26.15 20.62
CA LYS A 172 7.32 -26.66 20.80
C LYS A 172 8.24 -25.55 21.30
N TYR A 173 7.98 -24.28 20.94
CA TYR A 173 8.92 -23.21 21.21
C TYR A 173 8.31 -22.10 22.04
N SER A 174 8.76 -21.90 23.30
CA SER A 174 8.06 -20.95 24.19
C SER A 174 8.30 -19.47 23.75
N ASN A 175 9.36 -19.24 22.97
CA ASN A 175 9.64 -17.96 22.34
C ASN A 175 8.76 -17.59 21.12
N PHE A 176 7.95 -18.52 20.64
CA PHE A 176 7.03 -18.24 19.50
C PHE A 176 5.56 -18.24 19.97
N LYS A 177 4.80 -17.15 19.79
CA LYS A 177 3.33 -17.16 20.10
C LYS A 177 2.50 -16.58 18.97
N VAL A 178 1.28 -17.12 18.77
CA VAL A 178 0.45 -16.64 17.72
C VAL A 178 -0.89 -16.23 18.29
N TYR A 179 -1.41 -15.09 17.83
CA TYR A 179 -2.78 -14.68 18.22
C TYR A 179 -3.53 -14.59 16.90
N TYR A 180 -4.69 -15.27 16.75
CA TYR A 180 -5.43 -15.24 15.51
C TYR A 180 -6.59 -14.28 15.62
N VAL A 181 -6.87 -13.58 14.53
CA VAL A 181 -7.89 -12.53 14.51
C VAL A 181 -8.79 -12.89 13.28
N LEU A 182 -10.12 -12.85 13.40
CA LEU A 182 -11.01 -13.09 12.28
C LEU A 182 -12.07 -11.99 12.15
N ASN A 183 -12.37 -11.56 10.92
CA ASN A 183 -13.50 -10.59 10.76
C ASN A 183 -14.82 -11.26 11.13
N ASN A 184 -14.92 -12.53 10.77
CA ASN A 184 -16.16 -13.33 10.89
C ASN A 184 -15.87 -14.57 11.74
N PRO A 185 -15.81 -14.39 13.08
CA PRO A 185 -15.40 -15.53 13.89
C PRO A 185 -16.46 -16.63 14.02
N PRO A 186 -16.01 -17.90 14.21
CA PRO A 186 -16.98 -18.99 14.49
C PRO A 186 -17.60 -18.89 15.88
N ALA A 187 -18.72 -19.59 16.12
CA ALA A 187 -19.30 -19.60 17.47
C ALA A 187 -18.20 -20.09 18.41
N GLY A 188 -18.00 -19.45 19.56
CA GLY A 188 -17.05 -19.96 20.56
C GLY A 188 -15.60 -19.52 20.40
N TRP A 189 -15.36 -18.63 19.43
CA TRP A 189 -14.04 -18.12 19.13
C TRP A 189 -13.46 -17.30 20.29
N THR A 190 -12.21 -17.59 20.69
CA THR A 190 -11.56 -16.80 21.73
C THR A 190 -10.43 -15.88 21.27
N GLY A 191 -10.21 -15.79 19.96
CA GLY A 191 -9.22 -14.87 19.45
C GLY A 191 -9.73 -13.48 19.17
N GLY A 192 -8.97 -12.69 18.39
CA GLY A 192 -9.39 -11.33 18.10
C GLY A 192 -10.57 -11.30 17.13
N VAL A 193 -11.33 -10.23 17.17
CA VAL A 193 -12.56 -10.16 16.33
C VAL A 193 -12.54 -8.83 15.58
N GLY A 194 -12.76 -8.88 14.29
CA GLY A 194 -12.64 -7.69 13.46
C GLY A 194 -11.32 -7.57 12.75
N PHE A 195 -10.92 -6.31 12.49
CA PHE A 195 -9.67 -5.94 11.86
C PHE A 195 -8.70 -5.96 13.02
N VAL A 196 -7.40 -6.00 12.75
CA VAL A 196 -6.47 -5.83 13.81
C VAL A 196 -6.46 -4.35 14.30
N SER A 197 -6.63 -4.19 15.61
CA SER A 197 -6.74 -2.91 16.30
C SER A 197 -5.40 -2.45 16.93
N ALA A 198 -5.30 -1.16 17.27
CA ALA A 198 -4.12 -0.67 18.00
C ALA A 198 -3.98 -1.37 19.35
N ASP A 199 -5.11 -1.65 19.98
CA ASP A 199 -5.07 -2.32 21.24
C ASP A 199 -4.61 -3.74 21.14
N MET A 200 -4.90 -4.41 20.04
CA MET A 200 -4.46 -5.81 19.91
C MET A 200 -2.97 -5.81 19.85
N ILE A 201 -2.40 -4.83 19.11
CA ILE A 201 -0.93 -4.68 18.99
C ILE A 201 -0.28 -4.28 20.31
N LYS A 202 -0.87 -3.33 21.00
CA LYS A 202 -0.37 -2.95 22.31
C LYS A 202 -0.38 -4.10 23.34
N GLN A 203 -1.36 -4.95 23.26
CA GLN A 203 -1.49 -6.07 24.23
C GLN A 203 -0.52 -7.22 23.94
N HIS A 204 -0.07 -7.35 22.70
CA HIS A 204 0.81 -8.45 22.28
C HIS A 204 2.30 -8.10 22.03
N PHE A 205 2.69 -6.84 21.70
CA PHE A 205 4.04 -6.54 21.32
C PHE A 205 4.58 -5.67 22.45
N SER A 206 5.89 -5.67 22.64
CA SER A 206 6.50 -4.78 23.55
C SER A 206 6.44 -3.36 23.05
N PRO A 207 6.42 -2.37 23.96
CA PRO A 207 6.28 -0.96 23.60
C PRO A 207 7.47 -0.41 22.80
N PRO A 208 7.33 0.76 22.13
CA PRO A 208 8.37 1.44 21.33
C PRO A 208 9.69 1.60 22.11
N SER A 209 9.65 1.68 23.44
CA SER A 209 10.86 1.91 24.27
C SER A 209 11.72 0.65 24.32
N SER A 210 11.14 -0.48 23.89
CA SER A 210 11.81 -1.80 23.84
C SER A 210 12.70 -2.00 22.62
N ASP A 211 13.55 -3.03 22.63
CA ASP A 211 14.33 -3.39 21.45
C ASP A 211 13.46 -4.36 20.57
N ILE A 212 12.67 -3.77 19.68
CA ILE A 212 11.65 -4.52 18.92
C ILE A 212 11.80 -4.14 17.45
N LYS A 213 11.60 -5.10 16.53
CA LYS A 213 11.33 -4.85 15.13
C LYS A 213 9.90 -5.37 14.85
N VAL A 214 9.04 -4.57 14.22
CA VAL A 214 7.71 -5.04 13.76
C VAL A 214 7.76 -5.29 12.25
N MET A 215 7.33 -6.46 11.81
CA MET A 215 7.39 -6.84 10.38
C MET A 215 5.93 -7.06 9.95
N MET A 216 5.60 -6.55 8.76
CA MET A 216 4.19 -6.66 8.30
C MET A 216 4.15 -7.21 6.89
N CYS A 217 3.18 -8.07 6.57
CA CYS A 217 2.90 -8.41 5.16
C CYS A 217 1.43 -8.72 5.08
N GLY A 218 0.73 -8.33 4.06
CA GLY A 218 -0.70 -8.57 4.00
C GLY A 218 -1.18 -7.77 2.81
N PRO A 219 -2.51 -7.75 2.61
CA PRO A 219 -3.13 -6.89 1.57
C PRO A 219 -2.74 -5.42 1.84
N PRO A 220 -2.59 -4.61 0.77
CA PRO A 220 -2.08 -3.24 0.98
C PRO A 220 -2.88 -2.34 1.93
N MET A 221 -4.21 -2.52 2.01
CA MET A 221 -4.94 -1.70 2.96
C MET A 221 -4.70 -2.18 4.41
N MET A 222 -4.49 -3.48 4.58
CA MET A 222 -4.09 -3.93 5.92
C MET A 222 -2.72 -3.35 6.28
N ASN A 223 -1.78 -3.35 5.33
CA ASN A 223 -0.47 -2.84 5.70
C ASN A 223 -0.54 -1.34 6.00
N LYS A 224 -1.31 -0.57 5.23
CA LYS A 224 -1.46 0.84 5.48
C LYS A 224 -2.12 1.03 6.86
N ALA A 225 -3.11 0.25 7.24
CA ALA A 225 -3.69 0.42 8.54
C ALA A 225 -2.83 0.02 9.70
N MET A 226 -1.98 -0.97 9.50
CA MET A 226 -1.04 -1.37 10.51
C MET A 226 0.00 -0.26 10.73
N GLN A 227 0.42 0.39 9.66
CA GLN A 227 1.33 1.49 9.83
C GLN A 227 0.69 2.64 10.63
N GLY A 228 -0.62 2.89 10.39
CA GLY A 228 -1.43 3.82 11.18
C GLY A 228 -1.39 3.45 12.67
N HIS A 229 -1.58 2.18 12.98
CA HIS A 229 -1.44 1.80 14.36
C HIS A 229 -0.09 1.91 14.98
N LEU A 230 0.95 1.65 14.19
CA LEU A 230 2.26 1.73 14.77
C LEU A 230 2.64 3.23 15.05
N GLU A 231 2.17 4.12 14.17
CA GLU A 231 2.28 5.58 14.45
C GLU A 231 1.50 5.99 15.70
N THR A 232 0.26 5.51 15.83
CA THR A 232 -0.60 5.77 17.01
C THR A 232 0.12 5.39 18.31
N LEU A 233 0.74 4.21 18.28
CA LEU A 233 1.41 3.65 19.47
C LEU A 233 2.84 4.20 19.73
N GLY A 234 3.39 4.98 18.83
CA GLY A 234 4.66 5.67 19.11
C GLY A 234 5.88 4.99 18.53
N TYR A 235 5.72 3.99 17.65
CA TYR A 235 6.91 3.38 17.08
C TYR A 235 7.40 4.29 15.99
N THR A 236 8.70 4.34 15.81
CA THR A 236 9.32 5.11 14.73
C THR A 236 9.58 4.24 13.49
N PRO A 237 9.72 4.85 12.30
CA PRO A 237 9.89 4.05 11.07
C PRO A 237 11.07 3.10 11.09
N GLU A 238 12.12 3.40 11.84
CA GLU A 238 13.24 2.49 11.88
C GLU A 238 12.95 1.19 12.65
N GLN A 239 11.85 1.16 13.38
CA GLN A 239 11.42 0.00 14.15
C GLN A 239 10.44 -0.92 13.38
N TRP A 240 10.13 -0.61 12.12
CA TRP A 240 9.24 -1.52 11.38
C TRP A 240 9.70 -1.71 9.94
N PHE A 241 9.16 -2.76 9.31
CA PHE A 241 9.57 -3.16 7.94
C PHE A 241 8.32 -3.75 7.30
N ILE A 242 7.99 -3.36 6.09
CA ILE A 242 6.95 -4.05 5.33
C ILE A 242 7.65 -4.91 4.27
N PHE A 243 7.39 -6.21 4.21
CA PHE A 243 7.94 -7.03 3.14
C PHE A 243 7.69 -6.51 1.66
N LYS B 1 3.88 41.48 11.95
CA LYS B 1 4.24 40.45 10.92
C LYS B 1 4.14 38.98 11.42
N ARG B 2 3.07 38.29 10.97
CA ARG B 2 2.62 36.97 11.45
C ARG B 2 3.41 35.71 10.99
N GLU B 3 3.48 34.73 11.89
CA GLU B 3 3.87 33.34 11.56
C GLU B 3 3.09 32.78 10.34
N PRO B 4 3.70 31.83 9.59
CA PRO B 4 2.96 31.03 8.59
C PRO B 4 1.84 30.26 9.30
N ALA B 5 0.80 29.88 8.57
CA ALA B 5 -0.39 29.28 9.15
C ALA B 5 -0.06 27.97 9.86
N LEU B 6 0.76 27.13 9.23
CA LEU B 6 1.12 25.85 9.79
C LEU B 6 2.56 25.85 10.28
N ASN B 7 2.80 25.07 11.32
CA ASN B 7 4.19 24.85 11.78
C ASN B 7 4.52 23.35 11.58
N PRO B 8 5.70 22.98 11.04
CA PRO B 8 5.91 21.54 10.78
C PRO B 8 6.12 20.70 11.99
N ASN B 9 6.38 21.31 13.15
CA ASN B 9 6.59 20.53 14.38
C ASN B 9 5.45 20.52 15.39
N GLU B 10 4.62 21.55 15.40
CA GLU B 10 3.65 21.65 16.45
C GLU B 10 2.31 21.74 15.78
N TYR B 11 1.40 20.88 16.22
CA TYR B 11 -0.05 20.98 15.95
C TYR B 11 -0.67 22.29 16.43
N LYS B 12 -1.54 22.85 15.59
CA LYS B 12 -2.33 23.99 15.97
C LYS B 12 -3.77 23.56 15.75
N LYS B 13 -4.70 24.19 16.47
CA LYS B 13 -6.12 23.93 16.30
C LYS B 13 -6.75 24.85 15.28
N PHE B 14 -7.53 24.26 14.39
CA PHE B 14 -8.30 25.08 13.45
C PHE B 14 -9.77 24.79 13.53
N MET B 15 -10.56 25.83 13.57
CA MET B 15 -11.98 25.63 13.87
C MET B 15 -12.83 25.32 12.63
N LEU B 16 -13.72 24.35 12.70
CA LEU B 16 -14.65 24.11 11.60
C LEU B 16 -15.68 25.26 11.46
N ARG B 17 -15.71 25.88 10.27
CA ARG B 17 -16.64 26.97 9.96
C ARG B 17 -17.99 26.35 9.51
N GLU B 18 -17.93 25.48 8.50
CA GLU B 18 -19.15 24.96 7.89
C GLU B 18 -18.86 23.71 7.15
N LYS B 19 -19.89 22.90 6.89
CA LYS B 19 -19.73 21.75 6.01
C LYS B 19 -20.85 21.62 5.01
N GLN B 20 -20.61 20.91 3.94
CA GLN B 20 -21.68 20.58 3.03
C GLN B 20 -21.52 19.24 2.33
N ILE B 21 -22.66 18.64 2.00
CA ILE B 21 -22.72 17.39 1.28
C ILE B 21 -22.31 17.58 -0.18
N ILE B 22 -21.36 16.74 -0.65
CA ILE B 22 -20.98 16.65 -2.06
C ILE B 22 -21.70 15.49 -2.77
N ASN B 23 -21.63 14.28 -2.21
CA ASN B 23 -22.38 13.16 -2.74
C ASN B 23 -22.69 12.24 -1.57
N HIS B 24 -23.11 10.99 -1.85
CA HIS B 24 -23.57 10.06 -0.79
C HIS B 24 -22.53 9.87 0.32
N ASN B 25 -21.25 9.80 -0.08
CA ASN B 25 -20.22 9.51 0.91
C ASN B 25 -19.15 10.57 0.98
N THR B 26 -19.38 11.78 0.49
CA THR B 26 -18.32 12.78 0.43
C THR B 26 -18.84 14.12 0.91
N ARG B 27 -18.05 14.83 1.71
CA ARG B 27 -18.46 16.17 2.20
C ARG B 27 -17.32 17.14 2.04
N LEU B 28 -17.68 18.43 2.02
CA LEU B 28 -16.72 19.55 1.92
C LEU B 28 -16.73 20.23 3.30
N PHE B 29 -15.56 20.38 3.88
CA PHE B 29 -15.34 20.93 5.25
C PHE B 29 -14.50 22.21 5.12
N ARG B 30 -15.03 23.30 5.63
CA ARG B 30 -14.40 24.59 5.51
C ARG B 30 -13.91 24.94 6.91
N PHE B 31 -12.60 25.18 7.04
CA PHE B 31 -12.10 25.53 8.37
C PHE B 31 -11.63 26.97 8.31
N ASN B 32 -11.78 27.66 9.44
CA ASN B 32 -11.20 28.97 9.61
C ASN B 32 -9.68 28.92 9.76
N LEU B 33 -8.94 29.83 9.13
CA LEU B 33 -7.57 30.06 9.59
C LEU B 33 -7.65 31.07 10.74
N HIS B 34 -6.52 31.29 11.40
CA HIS B 34 -6.53 32.05 12.64
C HIS B 34 -6.70 33.54 12.38
N HIS B 35 -6.33 33.99 11.17
CA HIS B 35 -6.44 35.43 10.79
C HIS B 35 -7.06 35.52 9.40
N PRO B 36 -8.01 36.48 9.14
CA PRO B 36 -8.66 36.58 7.81
C PRO B 36 -7.71 36.72 6.63
N GLU B 37 -6.47 37.16 6.86
CA GLU B 37 -5.52 37.37 5.80
C GLU B 37 -4.52 36.25 5.66
N ASP B 38 -4.56 35.25 6.51
CA ASP B 38 -3.67 34.10 6.37
C ASP B 38 -4.01 33.24 5.15
N VAL B 39 -3.01 32.54 4.61
CA VAL B 39 -3.26 31.48 3.63
C VAL B 39 -2.56 30.22 4.18
N VAL B 40 -2.97 29.05 3.66
CA VAL B 40 -2.41 27.80 4.21
C VAL B 40 -0.88 27.76 3.96
N GLY B 41 -0.48 28.07 2.73
CA GLY B 41 0.95 28.18 2.38
C GLY B 41 1.66 26.83 2.23
N LEU B 42 0.98 25.82 1.68
CA LEU B 42 1.65 24.55 1.37
C LEU B 42 2.51 24.66 0.11
N PRO B 43 3.77 24.28 0.21
CA PRO B 43 4.63 24.15 -0.96
C PRO B 43 4.05 23.14 -1.89
N ILE B 44 4.37 23.26 -3.17
CA ILE B 44 3.76 22.39 -4.18
C ILE B 44 4.08 20.93 -3.90
N GLY B 45 3.08 20.06 -3.85
CA GLY B 45 3.40 18.65 -3.64
C GLY B 45 3.39 18.25 -2.16
N GLN B 46 3.28 19.23 -1.26
CA GLN B 46 3.19 18.98 0.21
C GLN B 46 1.80 19.05 0.78
N HIS B 47 1.63 18.43 1.96
CA HIS B 47 0.27 18.23 2.55
C HIS B 47 0.22 18.68 4.01
N MET B 48 -0.98 18.72 4.58
CA MET B 48 -1.26 18.91 6.00
C MET B 48 -1.20 17.51 6.67
N SER B 49 -0.66 17.47 7.88
CA SER B 49 -0.87 16.28 8.70
C SER B 49 -1.91 16.54 9.81
N VAL B 50 -2.97 15.73 9.91
CA VAL B 50 -3.99 16.00 10.88
C VAL B 50 -3.98 14.93 12.01
N LYS B 51 -4.31 15.34 13.24
CA LYS B 51 -4.34 14.39 14.32
C LYS B 51 -5.69 14.51 14.98
N ALA B 52 -6.09 13.42 15.58
CA ALA B 52 -7.31 13.41 16.33
C ALA B 52 -7.16 12.37 17.40
N THR B 53 -7.90 12.53 18.50
CA THR B 53 -8.04 11.50 19.51
C THR B 53 -9.33 10.66 19.35
N VAL B 54 -9.15 9.38 19.17
CA VAL B 54 -10.26 8.46 18.98
C VAL B 54 -10.07 7.27 19.93
N ASP B 55 -11.03 7.08 20.86
CA ASP B 55 -10.93 6.04 21.92
C ASP B 55 -9.69 6.10 22.75
N GLY B 56 -9.28 7.30 23.06
CA GLY B 56 -8.16 7.56 23.91
C GLY B 56 -6.80 7.41 23.25
N LYS B 57 -6.76 7.24 21.93
CA LYS B 57 -5.47 7.10 21.23
C LYS B 57 -5.41 8.14 20.12
N GLU B 58 -4.20 8.58 19.78
CA GLU B 58 -4.10 9.58 18.75
C GLU B 58 -3.91 8.92 17.39
N ILE B 59 -4.68 9.38 16.41
CA ILE B 59 -4.56 8.91 15.03
C ILE B 59 -4.20 10.04 14.10
N TYR B 60 -3.53 9.67 13.03
CA TYR B 60 -2.86 10.64 12.17
C TYR B 60 -3.13 10.32 10.71
N ARG B 61 -3.54 11.32 9.96
CA ARG B 61 -3.69 11.20 8.49
C ARG B 61 -3.31 12.45 7.73
N PRO B 62 -2.80 12.27 6.48
CA PRO B 62 -2.49 13.41 5.59
C PRO B 62 -3.68 13.89 4.82
N TYR B 63 -3.74 15.19 4.52
CA TYR B 63 -4.85 15.75 3.70
C TYR B 63 -4.37 16.86 2.89
N THR B 64 -4.95 17.04 1.71
CA THR B 64 -4.54 18.19 0.86
C THR B 64 -5.72 19.06 0.61
N PRO B 65 -5.68 20.33 1.05
CA PRO B 65 -6.90 21.14 0.80
C PRO B 65 -7.23 21.36 -0.70
N VAL B 66 -8.51 21.54 -1.05
CA VAL B 66 -8.92 21.79 -2.46
C VAL B 66 -9.16 23.28 -2.71
N SER B 67 -9.11 24.07 -1.66
CA SER B 67 -9.10 25.53 -1.82
C SER B 67 -7.76 25.90 -2.45
N SER B 68 -7.74 26.91 -3.35
CA SER B 68 -6.49 27.21 -4.09
C SER B 68 -5.55 27.81 -3.09
N ASP B 69 -4.28 27.82 -3.46
CA ASP B 69 -3.22 28.24 -2.55
C ASP B 69 -3.47 29.66 -2.03
N ASP B 70 -4.12 30.50 -2.82
CA ASP B 70 -4.24 31.91 -2.47
C ASP B 70 -5.54 32.29 -1.70
N GLU B 71 -6.43 31.32 -1.42
CA GLU B 71 -7.69 31.65 -0.73
C GLU B 71 -7.34 32.15 0.66
N LYS B 72 -7.96 33.28 1.04
CA LYS B 72 -7.66 33.95 2.31
C LYS B 72 -8.58 33.62 3.43
N GLY B 73 -8.02 33.35 4.61
CA GLY B 73 -8.81 33.19 5.83
C GLY B 73 -9.48 31.85 6.06
N TYR B 74 -9.27 30.89 5.17
CA TYR B 74 -9.94 29.57 5.38
C TYR B 74 -9.20 28.54 4.55
N PHE B 75 -9.51 27.25 4.80
CA PHE B 75 -9.13 26.21 3.83
C PHE B 75 -10.25 25.20 3.78
N ASP B 76 -10.34 24.53 2.65
CA ASP B 76 -11.42 23.59 2.36
C ASP B 76 -10.84 22.17 2.16
N LEU B 77 -11.42 21.21 2.84
CA LEU B 77 -11.07 19.78 2.63
C LEU B 77 -12.26 19.10 2.02
N ILE B 78 -12.05 18.30 0.97
CA ILE B 78 -13.09 17.38 0.49
C ILE B 78 -12.72 15.99 1.03
N ILE B 79 -13.62 15.36 1.80
CA ILE B 79 -13.25 14.17 2.48
C ILE B 79 -14.26 13.15 2.13
N LYS B 80 -13.77 12.02 1.68
CA LYS B 80 -14.63 10.84 1.53
C LYS B 80 -14.73 10.09 2.87
N VAL B 81 -15.94 9.71 3.26
CA VAL B 81 -16.19 9.11 4.54
C VAL B 81 -16.36 7.60 4.43
N TYR B 82 -15.52 6.86 5.12
CA TYR B 82 -15.49 5.39 5.04
C TYR B 82 -16.25 4.78 6.20
N GLU B 83 -16.93 3.69 5.92
CA GLU B 83 -17.71 2.99 6.93
C GLU B 83 -16.89 2.64 8.19
N LYS B 84 -15.67 2.11 8.03
CA LYS B 84 -14.83 1.85 9.21
C LYS B 84 -13.52 2.65 9.17
N GLY B 85 -13.63 3.87 8.70
CA GLY B 85 -12.46 4.70 8.59
C GLY B 85 -12.50 5.64 9.77
N GLN B 86 -11.54 5.50 10.69
CA GLN B 86 -11.53 6.27 11.92
C GLN B 86 -11.42 7.80 11.74
N MET B 87 -10.50 8.27 10.91
CA MET B 87 -10.42 9.70 10.82
C MET B 87 -11.49 10.37 10.02
N SER B 88 -11.90 9.76 8.89
CA SER B 88 -13.01 10.38 8.10
C SER B 88 -14.30 10.37 8.92
N GLN B 89 -14.54 9.33 9.71
CA GLN B 89 -15.68 9.36 10.62
C GLN B 89 -15.57 10.42 11.72
N TYR B 90 -14.38 10.60 12.27
CA TYR B 90 -14.13 11.66 13.26
C TYR B 90 -14.46 13.04 12.63
N ILE B 91 -13.88 13.32 11.47
CA ILE B 91 -14.10 14.63 10.86
C ILE B 91 -15.58 14.82 10.51
N ASP B 92 -16.27 13.75 10.04
CA ASP B 92 -17.66 13.85 9.60
C ASP B 92 -18.57 14.03 10.80
N HIS B 93 -18.06 13.75 12.01
CA HIS B 93 -18.83 14.06 13.24
C HIS B 93 -18.55 15.42 13.91
N LEU B 94 -17.67 16.23 13.36
CA LEU B 94 -17.42 17.54 13.92
C LEU B 94 -18.56 18.47 13.55
N ASN B 95 -18.81 19.39 14.47
CA ASN B 95 -19.85 20.39 14.33
C ASN B 95 -19.11 21.72 14.18
N PRO B 96 -19.76 22.73 13.51
CA PRO B 96 -19.17 24.09 13.52
C PRO B 96 -18.80 24.53 14.91
N GLY B 97 -17.57 25.01 15.07
CA GLY B 97 -17.12 25.36 16.40
C GLY B 97 -16.16 24.37 16.99
N ASP B 98 -16.24 23.12 16.57
CA ASP B 98 -15.24 22.14 16.95
C ASP B 98 -13.93 22.37 16.16
N PHE B 99 -12.83 21.81 16.69
CA PHE B 99 -11.49 21.96 16.11
C PHE B 99 -10.91 20.69 15.52
N LEU B 100 -10.01 20.92 14.57
CA LEU B 100 -9.10 19.87 14.04
C LEU B 100 -7.70 20.28 14.30
N GLN B 101 -6.85 19.36 14.78
CA GLN B 101 -5.40 19.69 14.97
C GLN B 101 -4.62 19.36 13.76
N VAL B 102 -3.80 20.33 13.30
CA VAL B 102 -3.05 20.28 12.03
C VAL B 102 -1.60 20.76 12.13
N ARG B 103 -0.62 20.04 11.56
CA ARG B 103 0.71 20.62 11.40
C ARG B 103 1.12 20.44 9.96
N GLY B 104 2.17 21.14 9.56
CA GLY B 104 2.72 20.93 8.27
C GLY B 104 3.49 22.17 7.94
N PRO B 105 3.92 22.28 6.69
CA PRO B 105 3.74 21.29 5.59
C PRO B 105 4.58 20.04 5.76
N LYS B 106 4.05 18.93 5.26
CA LYS B 106 4.74 17.64 5.29
C LYS B 106 4.81 17.00 3.91
N GLY B 107 5.76 16.09 3.73
CA GLY B 107 5.85 15.36 2.48
C GLY B 107 7.20 15.51 1.85
N GLN B 108 7.67 14.48 1.15
CA GLN B 108 9.03 14.57 0.58
C GLN B 108 9.14 15.13 -0.84
N PHE B 109 8.03 15.41 -1.49
CA PHE B 109 8.04 15.92 -2.86
C PHE B 109 8.72 17.26 -2.88
N ASP B 110 9.54 17.45 -3.90
CA ASP B 110 10.44 18.58 -3.95
C ASP B 110 10.30 19.30 -5.29
N TYR B 111 9.35 20.22 -5.41
CA TYR B 111 9.10 20.82 -6.72
C TYR B 111 10.04 21.98 -7.06
N LYS B 112 10.58 21.95 -8.28
CA LYS B 112 11.21 23.12 -8.90
C LYS B 112 10.53 23.36 -10.24
N PRO B 113 10.30 24.63 -10.61
CA PRO B 113 9.71 24.82 -11.92
C PRO B 113 10.51 24.09 -13.02
N ASN B 114 9.79 23.53 -13.97
CA ASN B 114 10.38 22.82 -15.11
C ASN B 114 11.37 21.74 -14.71
N MET B 115 11.14 21.09 -13.57
CA MET B 115 11.97 19.96 -13.14
C MET B 115 11.93 18.76 -14.11
N VAL B 116 10.83 18.57 -14.84
CA VAL B 116 10.66 17.50 -15.87
C VAL B 116 9.87 18.09 -17.02
N LYS B 117 10.02 17.53 -18.22
CA LYS B 117 9.14 17.90 -19.35
C LYS B 117 7.71 17.45 -19.27
N GLU B 118 7.50 16.34 -18.55
CA GLU B 118 6.20 15.70 -18.53
C GLU B 118 5.84 15.06 -17.18
N MET B 119 4.63 15.33 -16.69
CA MET B 119 4.15 14.59 -15.49
C MET B 119 3.03 13.74 -15.88
N GLY B 120 3.17 12.47 -15.56
CA GLY B 120 1.99 11.56 -15.68
C GLY B 120 1.40 11.40 -14.29
N MET B 121 0.17 11.78 -14.15
CA MET B 121 -0.51 11.64 -12.84
C MET B 121 -1.62 10.57 -12.88
N ILE B 122 -1.55 9.70 -11.90
CA ILE B 122 -2.61 8.70 -11.81
C ILE B 122 -3.27 8.86 -10.44
N ALA B 123 -4.58 9.11 -10.52
CA ALA B 123 -5.42 9.37 -9.32
C ALA B 123 -6.64 8.45 -9.23
N GLY B 124 -6.91 7.98 -8.02
CA GLY B 124 -8.15 7.26 -7.78
C GLY B 124 -8.91 7.99 -6.66
N GLY B 125 -10.19 8.34 -6.85
CA GLY B 125 -10.94 8.92 -5.75
C GLY B 125 -10.38 10.22 -5.25
N THR B 126 -10.23 10.32 -3.93
CA THR B 126 -9.65 11.52 -3.32
C THR B 126 -8.19 11.68 -3.58
N GLY B 127 -7.58 10.66 -4.23
CA GLY B 127 -6.20 10.87 -4.77
C GLY B 127 -6.17 12.04 -5.67
N ILE B 128 -7.29 12.55 -6.18
CA ILE B 128 -7.23 13.77 -7.01
C ILE B 128 -6.71 15.01 -6.27
N THR B 129 -6.86 15.12 -4.93
CA THR B 129 -6.51 16.38 -4.28
C THR B 129 -5.01 16.76 -4.36
N PRO B 130 -4.07 15.80 -4.10
CA PRO B 130 -2.67 16.11 -4.30
C PRO B 130 -2.32 16.43 -5.76
N MET B 131 -2.94 15.77 -6.68
CA MET B 131 -2.69 16.02 -8.13
C MET B 131 -3.18 17.41 -8.50
N LEU B 132 -4.40 17.79 -8.06
CA LEU B 132 -4.99 19.09 -8.37
C LEU B 132 -4.07 20.21 -7.85
N GLN B 133 -3.53 20.03 -6.64
CA GLN B 133 -2.67 21.05 -6.03
C GLN B 133 -1.44 21.27 -6.87
N VAL B 134 -0.81 20.16 -7.29
CA VAL B 134 0.39 20.27 -8.20
C VAL B 134 0.04 20.85 -9.60
N ALA B 135 -1.03 20.35 -10.18
CA ALA B 135 -1.39 20.80 -11.51
C ALA B 135 -1.71 22.29 -11.53
N ARG B 136 -2.42 22.74 -10.51
CA ARG B 136 -2.82 24.16 -10.43
C ARG B 136 -1.63 25.05 -10.43
N ALA B 137 -0.62 24.65 -9.66
CA ALA B 137 0.61 25.41 -9.50
C ALA B 137 1.41 25.46 -10.80
N ILE B 138 1.37 24.37 -11.54
CA ILE B 138 2.08 24.33 -12.81
C ILE B 138 1.42 25.21 -13.90
N ILE B 139 0.11 25.06 -14.10
CA ILE B 139 -0.61 25.70 -15.21
C ILE B 139 -0.86 27.19 -15.01
N LYS B 140 -0.95 27.61 -13.75
CA LYS B 140 -1.10 29.03 -13.48
C LYS B 140 0.23 29.83 -13.54
N ASN B 141 1.38 29.13 -13.54
CA ASN B 141 2.70 29.74 -13.80
C ASN B 141 3.08 29.80 -15.31
N PRO B 142 3.15 31.01 -15.89
CA PRO B 142 3.27 31.06 -17.35
C PRO B 142 4.70 30.77 -17.87
N LYS B 143 5.65 30.60 -16.96
CA LYS B 143 7.00 30.12 -17.28
C LYS B 143 7.14 28.57 -17.29
N GLU B 144 6.15 27.86 -16.76
CA GLU B 144 6.19 26.41 -16.72
C GLU B 144 5.85 25.87 -18.09
N LYS B 145 6.67 24.97 -18.63
CA LYS B 145 6.41 24.31 -19.95
C LYS B 145 6.00 22.85 -19.75
N THR B 146 5.94 22.37 -18.49
CA THR B 146 5.61 20.97 -18.18
C THR B 146 4.26 20.56 -18.73
N ILE B 147 4.27 19.44 -19.46
CA ILE B 147 3.04 18.81 -19.97
C ILE B 147 2.50 17.87 -18.85
N ILE B 148 1.21 17.98 -18.52
CA ILE B 148 0.56 17.13 -17.50
C ILE B 148 -0.55 16.27 -18.11
N ASN B 149 -0.42 14.93 -18.00
CA ASN B 149 -1.50 14.05 -18.40
C ASN B 149 -2.05 13.34 -17.15
N LEU B 150 -3.33 13.52 -16.90
CA LEU B 150 -3.96 12.87 -15.74
C LEU B 150 -4.85 11.70 -16.16
N ILE B 151 -4.66 10.55 -15.50
CA ILE B 151 -5.58 9.40 -15.62
C ILE B 151 -6.31 9.39 -14.27
N PHE B 152 -7.64 9.58 -14.31
CA PHE B 152 -8.39 9.80 -13.05
C PHE B 152 -9.43 8.67 -13.04
N ALA B 153 -9.27 7.75 -12.08
CA ALA B 153 -10.03 6.50 -12.05
C ALA B 153 -10.96 6.42 -10.86
N ASN B 154 -12.20 6.01 -11.13
CA ASN B 154 -13.24 5.83 -10.06
C ASN B 154 -14.13 4.66 -10.36
N VAL B 155 -14.98 4.28 -9.40
CA VAL B 155 -15.91 3.18 -9.62
C VAL B 155 -17.12 3.58 -10.46
N ASN B 156 -17.93 4.53 -9.98
CA ASN B 156 -19.16 4.95 -10.62
C ASN B 156 -19.05 6.40 -11.07
N GLU B 157 -19.90 6.81 -12.02
CA GLU B 157 -19.82 8.15 -12.55
C GLU B 157 -20.02 9.20 -11.45
N ASP B 158 -20.82 8.87 -10.45
CA ASP B 158 -21.09 9.84 -9.41
C ASP B 158 -19.90 10.01 -8.43
N ASP B 159 -18.90 9.11 -8.52
CA ASP B 159 -17.67 9.19 -7.73
C ASP B 159 -16.63 10.17 -8.30
N ILE B 160 -16.81 10.70 -9.51
CA ILE B 160 -15.81 11.56 -10.16
C ILE B 160 -15.84 12.96 -9.54
N LEU B 161 -14.96 13.18 -8.53
CA LEU B 161 -14.86 14.49 -7.85
C LEU B 161 -14.22 15.51 -8.72
N LEU B 162 -14.72 16.74 -8.63
CA LEU B 162 -14.07 17.90 -9.26
C LEU B 162 -14.05 17.83 -10.79
N ARG B 163 -15.02 17.11 -11.38
CA ARG B 163 -15.07 16.88 -12.84
C ARG B 163 -15.16 18.19 -13.62
N THR B 164 -16.07 19.05 -13.19
CA THR B 164 -16.23 20.36 -13.83
C THR B 164 -14.95 21.17 -13.76
N GLU B 165 -14.32 21.27 -12.57
CA GLU B 165 -13.01 21.93 -12.42
C GLU B 165 -11.93 21.40 -13.36
N LEU B 166 -11.79 20.07 -13.44
CA LEU B 166 -10.78 19.46 -14.27
C LEU B 166 -11.09 19.71 -15.75
N ASP B 167 -12.36 19.58 -16.12
CA ASP B 167 -12.80 19.80 -17.52
C ASP B 167 -12.51 21.25 -17.94
N ASP B 168 -12.78 22.18 -17.04
CA ASP B 168 -12.40 23.58 -17.30
C ASP B 168 -10.93 23.85 -17.39
N MET B 169 -10.13 23.28 -16.50
CA MET B 169 -8.67 23.39 -16.64
C MET B 169 -8.18 22.85 -17.98
N ALA B 170 -8.70 21.71 -18.43
CA ALA B 170 -8.24 21.07 -19.65
C ALA B 170 -8.67 21.92 -20.87
N LYS B 171 -9.87 22.53 -20.81
CA LYS B 171 -10.34 23.41 -21.93
C LYS B 171 -9.43 24.59 -22.03
N LYS B 172 -9.07 25.15 -20.89
CA LYS B 172 -8.32 26.38 -20.82
C LYS B 172 -6.81 26.23 -21.06
N TYR B 173 -6.19 25.12 -20.67
CA TYR B 173 -4.74 24.99 -20.80
C TYR B 173 -4.31 23.88 -21.72
N SER B 174 -3.55 24.21 -22.75
CA SER B 174 -3.03 23.22 -23.69
C SER B 174 -2.26 22.06 -23.04
N ASN B 175 -1.48 22.41 -22.02
CA ASN B 175 -0.61 21.47 -21.35
C ASN B 175 -1.27 20.62 -20.27
N PHE B 176 -2.57 20.70 -20.10
CA PHE B 176 -3.23 19.83 -19.10
C PHE B 176 -4.30 19.03 -19.83
N LYS B 177 -4.21 17.69 -19.68
CA LYS B 177 -5.23 16.82 -20.25
C LYS B 177 -5.66 15.78 -19.21
N VAL B 178 -6.96 15.43 -19.21
CA VAL B 178 -7.54 14.42 -18.32
C VAL B 178 -8.21 13.29 -19.12
N TYR B 179 -7.93 12.07 -18.67
CA TYR B 179 -8.54 10.84 -19.15
C TYR B 179 -9.28 10.19 -17.96
N TYR B 180 -10.58 10.07 -18.07
CA TYR B 180 -11.38 9.43 -17.01
C TYR B 180 -11.61 7.93 -17.21
N VAL B 181 -11.54 7.18 -16.10
CA VAL B 181 -11.69 5.72 -16.18
C VAL B 181 -12.76 5.32 -15.15
N LEU B 182 -13.74 4.42 -15.46
CA LEU B 182 -14.80 3.98 -14.52
C LEU B 182 -14.87 2.47 -14.56
N ASN B 183 -14.89 1.83 -13.38
CA ASN B 183 -15.25 0.42 -13.33
C ASN B 183 -16.65 0.17 -13.93
N ASN B 184 -17.63 1.05 -13.66
CA ASN B 184 -19.02 0.85 -14.07
C ASN B 184 -19.43 2.07 -14.92
N PRO B 185 -19.00 2.11 -16.20
CA PRO B 185 -19.36 3.26 -17.03
C PRO B 185 -20.80 3.27 -17.51
N PRO B 186 -21.32 4.46 -17.81
CA PRO B 186 -22.67 4.49 -18.41
C PRO B 186 -22.51 4.13 -19.88
N ALA B 187 -23.60 3.81 -20.51
CA ALA B 187 -23.59 3.55 -21.93
C ALA B 187 -23.21 4.79 -22.68
N GLY B 188 -22.35 4.59 -23.66
CA GLY B 188 -21.89 5.70 -24.47
C GLY B 188 -20.68 6.41 -23.87
N TRP B 189 -20.20 5.94 -22.71
CA TRP B 189 -18.88 6.40 -22.14
C TRP B 189 -17.74 6.42 -23.13
N THR B 190 -17.05 7.54 -23.23
CA THR B 190 -15.91 7.64 -24.15
C THR B 190 -14.54 7.46 -23.47
N GLY B 191 -14.55 7.29 -22.15
CA GLY B 191 -13.31 7.07 -21.38
C GLY B 191 -12.88 5.63 -21.18
N GLY B 192 -11.98 5.38 -20.22
CA GLY B 192 -11.57 4.03 -19.87
C GLY B 192 -12.57 3.25 -19.09
N VAL B 193 -12.55 1.93 -19.30
CA VAL B 193 -13.43 0.99 -18.64
C VAL B 193 -12.66 -0.02 -17.83
N GLY B 194 -13.05 -0.17 -16.55
CA GLY B 194 -12.48 -1.19 -15.64
C GLY B 194 -11.47 -0.48 -14.73
N PHE B 195 -10.48 -1.25 -14.26
CA PHE B 195 -9.29 -0.64 -13.56
C PHE B 195 -8.37 0.03 -14.57
N VAL B 196 -7.49 0.90 -14.08
CA VAL B 196 -6.41 1.40 -14.93
C VAL B 196 -5.45 0.27 -15.38
N SER B 197 -5.23 0.19 -16.69
CA SER B 197 -4.45 -0.88 -17.29
C SER B 197 -3.07 -0.41 -17.71
N ALA B 198 -2.21 -1.37 -17.98
CA ALA B 198 -0.88 -0.98 -18.46
C ALA B 198 -1.04 -0.33 -19.84
N ASP B 199 -1.99 -0.79 -20.62
CA ASP B 199 -2.24 -0.13 -21.94
C ASP B 199 -2.67 1.34 -21.83
N MET B 200 -3.55 1.65 -20.89
CA MET B 200 -4.01 2.98 -20.74
C MET B 200 -2.83 3.87 -20.42
N ILE B 201 -1.97 3.42 -19.52
CA ILE B 201 -0.77 4.20 -19.20
C ILE B 201 0.20 4.36 -20.38
N LYS B 202 0.50 3.28 -21.05
CA LYS B 202 1.38 3.31 -22.27
C LYS B 202 0.79 4.28 -23.36
N GLN B 203 -0.56 4.36 -23.47
CA GLN B 203 -1.26 5.20 -24.50
C GLN B 203 -1.21 6.69 -24.17
N HIS B 204 -1.21 7.01 -22.89
CA HIS B 204 -1.37 8.38 -22.45
C HIS B 204 -0.15 9.11 -21.90
N PHE B 205 0.85 8.35 -21.41
CA PHE B 205 2.10 8.92 -20.87
C PHE B 205 3.22 8.66 -21.83
N SER B 206 4.20 9.58 -21.83
CA SER B 206 5.47 9.32 -22.48
C SER B 206 6.17 8.13 -21.89
N PRO B 207 6.91 7.40 -22.73
CA PRO B 207 7.59 6.16 -22.35
C PRO B 207 8.82 6.44 -21.42
N PRO B 208 9.39 5.39 -20.82
CA PRO B 208 10.51 5.51 -19.87
C PRO B 208 11.70 6.25 -20.38
N SER B 209 11.94 6.19 -21.70
CA SER B 209 13.10 6.90 -22.26
C SER B 209 12.95 8.45 -22.27
N SER B 210 11.74 8.96 -22.04
CA SER B 210 11.55 10.41 -22.00
C SER B 210 11.79 11.02 -20.59
N ASP B 211 11.68 12.35 -20.50
CA ASP B 211 11.86 13.04 -19.23
C ASP B 211 10.50 13.16 -18.55
N ILE B 212 10.17 12.12 -17.80
CA ILE B 212 8.84 12.02 -17.18
C ILE B 212 8.93 11.74 -15.70
N LYS B 213 7.98 12.26 -14.92
CA LYS B 213 7.85 11.88 -13.53
C LYS B 213 6.39 11.34 -13.47
N VAL B 214 6.21 10.07 -13.06
CA VAL B 214 4.83 9.60 -12.88
C VAL B 214 4.44 9.71 -11.36
N MET B 215 3.31 10.34 -11.07
CA MET B 215 2.84 10.50 -9.68
C MET B 215 1.47 9.79 -9.44
N MET B 216 1.34 9.11 -8.30
CA MET B 216 0.15 8.27 -8.04
C MET B 216 -0.36 8.61 -6.66
N CYS B 217 -1.67 8.62 -6.53
CA CYS B 217 -2.34 8.60 -5.25
C CYS B 217 -3.75 7.97 -5.43
N GLY B 218 -4.18 7.16 -4.48
CA GLY B 218 -5.46 6.50 -4.60
C GLY B 218 -5.40 5.52 -3.47
N PRO B 219 -6.40 4.61 -3.42
CA PRO B 219 -6.43 3.57 -2.45
C PRO B 219 -5.22 2.63 -2.60
N PRO B 220 -4.82 2.02 -1.48
CA PRO B 220 -3.49 1.32 -1.53
C PRO B 220 -3.38 0.20 -2.56
N MET B 221 -4.48 -0.48 -2.87
CA MET B 221 -4.37 -1.53 -3.88
C MET B 221 -4.26 -0.92 -5.26
N MET B 222 -4.91 0.22 -5.45
CA MET B 222 -4.63 0.93 -6.74
C MET B 222 -3.17 1.36 -6.87
N ASN B 223 -2.57 1.97 -5.81
CA ASN B 223 -1.16 2.35 -5.86
C ASN B 223 -0.30 1.11 -6.15
N LYS B 224 -0.61 -0.01 -5.48
CA LYS B 224 0.19 -1.27 -5.65
C LYS B 224 0.15 -1.69 -7.11
N ALA B 225 -1.06 -1.74 -7.67
CA ALA B 225 -1.20 -2.12 -9.07
C ALA B 225 -0.60 -1.19 -10.09
N MET B 226 -0.64 0.13 -9.77
CA MET B 226 0.05 1.09 -10.71
C MET B 226 1.51 0.83 -10.69
N GLN B 227 2.06 0.58 -9.49
CA GLN B 227 3.47 0.30 -9.47
C GLN B 227 3.76 -0.93 -10.31
N GLY B 228 2.92 -1.99 -10.23
CA GLY B 228 3.10 -3.16 -11.11
C GLY B 228 3.13 -2.76 -12.61
N HIS B 229 2.26 -1.82 -12.99
CA HIS B 229 2.19 -1.44 -14.41
C HIS B 229 3.41 -0.68 -14.84
N LEU B 230 3.90 0.14 -13.93
CA LEU B 230 5.09 0.94 -14.25
C LEU B 230 6.30 0.03 -14.36
N GLU B 231 6.37 -1.00 -13.55
CA GLU B 231 7.39 -2.08 -13.75
C GLU B 231 7.23 -2.82 -15.09
N THR B 232 6.01 -3.24 -15.43
CA THR B 232 5.71 -3.85 -16.70
C THR B 232 6.18 -3.03 -17.88
N LEU B 233 6.04 -1.70 -17.75
CA LEU B 233 6.25 -0.79 -18.89
C LEU B 233 7.65 -0.30 -18.97
N GLY B 234 8.43 -0.63 -17.98
CA GLY B 234 9.87 -0.33 -18.05
C GLY B 234 10.37 0.95 -17.37
N TYR B 235 9.53 1.61 -16.59
CA TYR B 235 9.95 2.71 -15.77
C TYR B 235 10.78 2.22 -14.58
N THR B 236 11.72 3.05 -14.14
CA THR B 236 12.53 2.73 -12.95
C THR B 236 11.98 3.50 -11.72
N PRO B 237 12.26 3.04 -10.49
CA PRO B 237 11.63 3.73 -9.32
C PRO B 237 11.92 5.25 -9.19
N GLU B 238 13.06 5.67 -9.74
CA GLU B 238 13.47 7.07 -9.76
C GLU B 238 12.51 7.94 -10.55
N GLN B 239 11.75 7.31 -11.45
CA GLN B 239 10.78 7.99 -12.31
C GLN B 239 9.36 8.07 -11.74
N TRP B 240 9.12 7.53 -10.58
CA TRP B 240 7.78 7.68 -10.05
C TRP B 240 7.76 8.09 -8.58
N PHE B 241 6.60 8.49 -8.12
CA PHE B 241 6.47 9.02 -6.78
C PHE B 241 5.07 8.69 -6.34
N ILE B 242 4.95 8.00 -5.20
CA ILE B 242 3.63 7.72 -4.63
C ILE B 242 3.45 8.68 -3.44
N PHE B 243 2.36 9.43 -3.41
CA PHE B 243 2.12 10.32 -2.29
C PHE B 243 1.87 9.50 -0.98
I IOD C . 12.22 -30.98 -14.13
I IOD D . 24.83 -22.96 17.90
I IOD E . 9.10 -8.96 -7.94
NA NA F . -6.53 -4.11 -0.18
PA FAD G . -3.16 -8.36 -7.90
O1A FAD G . -2.61 -7.73 -9.12
O2A FAD G . -2.39 -8.03 -6.63
O5B FAD G . -4.74 -8.07 -7.79
C5B FAD G . -5.40 -8.37 -6.57
C4B FAD G . -6.75 -7.63 -6.58
O4B FAD G . -6.48 -6.26 -6.70
C3B FAD G . -7.57 -7.93 -7.81
O3B FAD G . -8.43 -9.00 -7.62
C2B FAD G . -8.38 -6.65 -7.96
O2B FAD G . -9.45 -6.59 -7.06
C1B FAD G . -7.43 -5.60 -7.53
N9A FAD G . -6.78 -5.00 -8.73
C8A FAD G . -6.19 -5.69 -9.75
N7A FAD G . -5.70 -4.79 -10.64
C5A FAD G . -5.97 -3.50 -10.20
C6A FAD G . -5.72 -2.19 -10.73
N6A FAD G . -5.25 -2.16 -11.97
N1A FAD G . -6.17 -1.11 -10.00
C2A FAD G . -6.84 -1.28 -8.81
N3A FAD G . -7.07 -2.54 -8.30
C4A FAD G . -6.67 -3.64 -8.99
N1 FAD G . 1.14 -14.34 -2.41
C2 FAD G . 0.75 -15.66 -2.37
O2 FAD G . -0.29 -16.06 -2.83
N3 FAD G . 1.60 -16.60 -1.81
C4 FAD G . 2.80 -16.24 -1.29
O4 FAD G . 3.47 -17.13 -0.79
C4X FAD G . 3.20 -14.89 -1.32
N5 FAD G . 4.44 -14.45 -0.83
C5X FAD G . 4.71 -13.12 -0.87
C6 FAD G . 5.97 -12.73 -0.37
C7 FAD G . 6.33 -11.38 -0.36
C7M FAD G . 7.67 -10.99 0.28
C8 FAD G . 5.45 -10.42 -0.86
C8M FAD G . 5.82 -8.97 -0.89
C9 FAD G . 4.23 -10.81 -1.43
C9A FAD G . 3.87 -12.15 -1.43
N10 FAD G . 2.69 -12.59 -1.99
C10 FAD G . 2.36 -13.92 -1.92
C1' FAD G . 1.83 -11.65 -2.84
C2' FAD G . 1.99 -11.77 -4.35
O2' FAD G . 3.23 -11.09 -4.60
C3' FAD G . 1.01 -11.05 -5.25
O3' FAD G . 0.76 -9.75 -4.68
C4' FAD G . -0.28 -11.93 -5.25
O4' FAD G . -0.01 -13.23 -5.77
C5' FAD G . -1.43 -11.33 -6.06
O5' FAD G . -0.96 -10.83 -7.35
P FAD G . -2.00 -10.94 -8.59
O1P FAD G . -1.21 -10.52 -9.77
O2P FAD G . -2.74 -12.25 -8.69
O3P FAD G . -3.19 -9.94 -8.13
C1 GOL H . -8.57 3.68 1.19
O1 GOL H . -9.14 2.65 2.00
C2 GOL H . -8.21 4.83 2.15
O2 GOL H . -7.10 4.51 3.02
C3 GOL H . -7.89 6.09 1.37
O3 GOL H . -6.81 5.79 0.55
I IOD I . 0.26 12.13 8.59
NA NA J . -7.54 -0.84 -1.17
PA FAD K . -8.83 4.15 6.83
O1A FAD K . -8.30 3.94 8.12
O2A FAD K . -7.83 4.52 5.75
O5B FAD K . -9.96 2.99 6.55
C5B FAD K . -10.46 2.85 5.22
C4B FAD K . -11.04 1.47 5.04
O4B FAD K . -9.98 0.57 5.28
C3B FAD K . -12.07 1.14 6.08
O3B FAD K . -13.34 1.50 5.55
C2B FAD K . -11.88 -0.38 6.20
O2B FAD K . -12.68 -1.06 5.22
C1B FAD K . -10.40 -0.60 5.92
N9A FAD K . -9.73 -0.68 7.23
C8A FAD K . -9.80 0.19 8.30
N7A FAD K . -9.05 -0.24 9.31
C5A FAD K . -8.42 -1.38 8.93
C6A FAD K . -7.54 -2.29 9.60
N6A FAD K . -7.26 -2.19 10.92
N1A FAD K . -7.14 -3.36 8.85
C2A FAD K . -7.57 -3.59 7.54
N3A FAD K . -8.43 -2.72 6.91
C4A FAD K . -8.86 -1.68 7.62
N1 FAD K . -8.57 11.82 1.78
C2 FAD K . -9.63 12.69 1.59
O2 FAD K . -10.75 12.25 1.86
N3 FAD K . -9.38 13.99 1.13
C4 FAD K . -8.12 14.41 0.83
O4 FAD K . -7.97 15.58 0.42
C4X FAD K . -7.06 13.55 1.03
N5 FAD K . -5.80 14.01 0.71
C5X FAD K . -4.79 13.11 0.89
C6 FAD K . -3.52 13.57 0.54
C7 FAD K . -2.44 12.73 0.67
C7M FAD K . -1.11 13.26 0.32
C8 FAD K . -2.57 11.44 1.09
C8M FAD K . -1.38 10.53 1.21
C9 FAD K . -3.82 10.97 1.40
C9A FAD K . -4.95 11.79 1.31
N10 FAD K . -6.22 11.35 1.67
C10 FAD K . -7.27 12.25 1.50
C1' FAD K . -6.49 10.06 2.44
C2' FAD K . -6.38 10.17 3.96
O2' FAD K . -5.05 10.40 4.37
C3' FAD K . -6.94 8.91 4.67
O3' FAD K . -6.24 7.81 4.11
C4' FAD K . -8.46 8.81 4.45
O4' FAD K . -9.09 9.98 4.96
C5' FAD K . -9.14 7.61 5.13
O5' FAD K . -8.72 7.55 6.48
P FAD K . -9.69 6.87 7.54
O1P FAD K . -9.03 6.91 8.87
O2P FAD K . -11.03 7.49 7.45
O3P FAD K . -9.91 5.37 6.99
C1 GOL L . -1.87 -9.54 -2.35
O1 GOL L . -1.58 -8.69 -1.26
C2 GOL L . -2.83 -8.71 -3.22
O2 GOL L . -2.12 -7.66 -3.95
C3 GOL L . -3.93 -8.12 -2.32
O3 GOL L . -5.04 -7.73 -3.11
#